data_3UH4
#
_entry.id   3UH4
#
_cell.length_a   123.915
_cell.length_b   45.239
_cell.length_c   88.135
_cell.angle_alpha   90.00
_cell.angle_beta   90.44
_cell.angle_gamma   90.00
#
_symmetry.space_group_name_H-M   'C 1 2 1'
#
loop_
_entity.id
_entity.type
_entity.pdbx_description
1 polymer Tankyrase-1
2 non-polymer 'ZINC ION'
3 non-polymer 2-[4-(trifluoromethyl)phenyl]-7,8-dihydro-5H-thiopyrano[4,3-d]pyrimidin-4-ol
4 non-polymer 'SULFATE ION'
5 non-polymer GLYCEROL
6 water water
#
_entity_poly.entity_id   1
_entity_poly.type   'polypeptide(L)'
_entity_poly.pdbx_seq_one_letter_code
;GGTILLDLAPEDKEYQSVEEEMQSTIREHRDGGNAGGIFNRYNVIRIQKVVNKKLRERFCHRQKEVSEENHNHHNERMLF
HGSPFINAIIHKGFDERHAYIGGMFGAGIYFAENSSKSNQYVYGIGGGTGCPTHKDRSCYICHRQMLFCRVTLGKSFLQF
STIKMAHAPPGHHSVIGRPSVNGLAYAEYVIYRGEQAYPEYLITYQIMKPEAPSQTATAAEQKT
;
_entity_poly.pdbx_strand_id   A,B
#
# COMPACT_ATOMS: atom_id res chain seq x y z
N GLY A 2 0.89 25.06 2.01
CA GLY A 2 1.64 24.28 1.02
C GLY A 2 3.11 24.07 1.37
N THR A 3 3.92 23.78 0.36
CA THR A 3 5.35 23.54 0.55
C THR A 3 6.15 24.84 0.58
N ILE A 4 7.08 24.92 1.52
CA ILE A 4 8.04 26.01 1.64
C ILE A 4 9.39 25.35 1.35
N LEU A 5 10.25 26.02 0.58
CA LEU A 5 11.63 25.60 0.33
C LEU A 5 12.58 26.50 1.15
N LEU A 6 13.35 25.89 2.06
CA LEU A 6 14.31 26.63 2.88
C LEU A 6 15.64 26.58 2.13
N ASP A 7 16.27 27.73 1.90
CA ASP A 7 17.51 27.78 1.12
C ASP A 7 18.74 27.64 1.99
N LEU A 8 19.42 26.49 1.90
CA LEU A 8 20.64 26.33 2.67
C LEU A 8 21.79 27.10 2.03
N ALA A 9 22.64 27.70 2.87
CA ALA A 9 23.79 28.49 2.44
C ALA A 9 24.97 27.55 2.22
N PRO A 10 25.83 27.76 1.19
CA PRO A 10 27.00 26.87 1.00
C PRO A 10 27.97 26.75 2.18
N GLU A 11 28.04 27.77 3.06
CA GLU A 11 28.94 27.76 4.23
C GLU A 11 28.38 27.01 5.46
N ASP A 12 27.11 26.59 5.39
CA ASP A 12 26.42 25.80 6.40
C ASP A 12 26.95 24.36 6.39
N LYS A 13 27.13 23.77 7.60
CA LYS A 13 27.62 22.41 7.79
C LYS A 13 26.67 21.36 7.21
N GLU A 14 25.37 21.65 7.26
CA GLU A 14 24.27 20.81 6.77
C GLU A 14 24.31 20.75 5.25
N TYR A 15 24.54 21.89 4.59
CA TYR A 15 24.71 21.96 3.14
C TYR A 15 25.93 21.08 2.77
N GLN A 16 27.02 21.27 3.52
CA GLN A 16 28.27 20.58 3.27
C GLN A 16 28.19 19.05 3.45
N SER A 17 27.46 18.58 4.47
CA SER A 17 27.32 17.14 4.72
C SER A 17 26.45 16.47 3.62
N VAL A 18 25.39 17.17 3.16
CA VAL A 18 24.50 16.69 2.08
C VAL A 18 25.31 16.62 0.77
N GLU A 19 26.14 17.66 0.48
CA GLU A 19 26.99 17.66 -0.71
C GLU A 19 28.01 16.54 -0.67
N GLU A 20 28.70 16.39 0.50
CA GLU A 20 29.71 15.36 0.72
C GLU A 20 29.15 13.98 0.54
N GLU A 21 27.94 13.71 1.09
CA GLU A 21 27.26 12.42 0.93
C GLU A 21 26.94 12.17 -0.55
N MET A 22 26.46 13.19 -1.26
CA MET A 22 26.16 13.07 -2.68
C MET A 22 27.45 12.81 -3.53
N GLN A 23 28.53 13.62 -3.31
CA GLN A 23 29.80 13.48 -4.05
C GLN A 23 30.52 12.17 -3.75
N SER A 24 30.63 11.78 -2.46
CA SER A 24 31.34 10.56 -2.05
C SER A 24 30.66 9.24 -2.44
N THR A 25 29.34 9.27 -2.76
CA THR A 25 28.59 8.05 -3.12
C THR A 25 28.44 7.81 -4.65
N ILE A 26 29.19 8.55 -5.47
CA ILE A 26 29.24 8.32 -6.93
C ILE A 26 30.00 7.00 -7.12
N ARG A 27 29.47 6.11 -7.96
CA ARG A 27 30.10 4.84 -8.29
C ARG A 27 29.97 4.59 -9.79
N GLU A 28 30.73 3.59 -10.30
CA GLU A 28 30.65 3.19 -11.70
C GLU A 28 29.44 2.29 -11.83
N HIS A 29 28.69 2.45 -12.90
CA HIS A 29 27.49 1.67 -13.14
C HIS A 29 27.73 0.72 -14.26
N ARG A 30 27.15 -0.49 -14.16
CA ARG A 30 27.29 -1.60 -15.10
C ARG A 30 26.90 -1.25 -16.52
N ASP A 31 25.94 -0.33 -16.68
CA ASP A 31 25.52 0.17 -18.01
C ASP A 31 26.54 1.13 -18.64
N GLY A 32 27.65 1.41 -17.95
CA GLY A 32 28.72 2.26 -18.44
C GLY A 32 28.38 3.73 -18.63
N GLY A 33 27.36 4.18 -17.92
CA GLY A 33 26.93 5.57 -17.98
C GLY A 33 25.77 5.83 -18.92
N ASN A 34 25.20 4.76 -19.55
CA ASN A 34 24.07 4.95 -20.46
C ASN A 34 22.91 5.75 -19.83
N ALA A 35 22.42 5.33 -18.65
CA ALA A 35 21.24 5.95 -18.02
C ALA A 35 21.46 7.37 -17.51
N GLY A 36 22.49 7.53 -16.67
CA GLY A 36 22.75 8.79 -15.98
C GLY A 36 23.85 9.69 -16.50
N GLY A 37 24.66 9.19 -17.44
CA GLY A 37 25.72 9.99 -18.01
C GLY A 37 27.11 9.70 -17.49
N ILE A 38 28.13 10.38 -18.04
CA ILE A 38 29.53 10.16 -17.64
C ILE A 38 30.00 11.34 -16.81
N PHE A 39 30.40 11.07 -15.58
CA PHE A 39 30.83 12.14 -14.66
C PHE A 39 31.53 11.50 -13.50
N ASN A 40 32.40 12.25 -12.80
CA ASN A 40 33.07 11.77 -11.58
C ASN A 40 32.63 12.60 -10.40
N ARG A 41 31.98 13.75 -10.68
CA ARG A 41 31.57 14.72 -9.66
C ARG A 41 30.37 15.53 -10.17
N TYR A 42 29.62 16.12 -9.24
CA TYR A 42 28.52 16.99 -9.60
C TYR A 42 28.87 18.43 -9.35
N ASN A 43 28.15 19.31 -10.03
CA ASN A 43 28.20 20.74 -9.76
C ASN A 43 26.87 21.00 -9.03
N VAL A 44 26.93 21.13 -7.69
CA VAL A 44 25.75 21.43 -6.86
C VAL A 44 25.41 22.93 -6.96
N ILE A 45 24.20 23.22 -7.46
CA ILE A 45 23.74 24.60 -7.72
C ILE A 45 23.09 25.17 -6.45
N ARG A 46 22.30 24.33 -5.77
CA ARG A 46 21.62 24.67 -4.53
C ARG A 46 21.12 23.45 -3.76
N ILE A 47 20.98 23.60 -2.44
CA ILE A 47 20.44 22.55 -1.58
C ILE A 47 19.34 23.21 -0.77
N GLN A 48 18.11 22.70 -0.96
CA GLN A 48 16.93 23.22 -0.28
C GLN A 48 16.27 22.19 0.63
N LYS A 49 15.81 22.66 1.78
CA LYS A 49 15.08 21.84 2.75
C LYS A 49 13.56 22.01 2.50
N VAL A 50 12.85 20.89 2.26
CA VAL A 50 11.40 20.89 1.97
C VAL A 50 10.62 20.94 3.29
N VAL A 51 9.79 21.98 3.47
CA VAL A 51 8.98 22.14 4.67
C VAL A 51 7.49 22.10 4.24
N ASN A 52 6.77 21.08 4.71
CA ASN A 52 5.34 20.91 4.42
C ASN A 52 4.70 20.23 5.60
N LYS A 53 3.83 20.97 6.31
CA LYS A 53 3.10 20.52 7.49
C LYS A 53 2.39 19.16 7.32
N LYS A 54 1.57 19.03 6.25
CA LYS A 54 0.82 17.79 5.99
C LYS A 54 1.75 16.63 5.70
N LEU A 55 2.81 16.84 4.90
CA LEU A 55 3.76 15.77 4.61
C LEU A 55 4.47 15.35 5.87
N ARG A 56 4.85 16.31 6.72
CA ARG A 56 5.50 16.00 7.99
C ARG A 56 4.52 15.27 8.92
N GLU A 57 3.27 15.73 8.99
CA GLU A 57 2.25 15.04 9.83
C GLU A 57 2.08 13.58 9.37
N ARG A 58 1.87 13.37 8.06
CA ARG A 58 1.66 12.00 7.54
C ARG A 58 2.86 11.11 7.82
N PHE A 59 4.08 11.70 7.75
CA PHE A 59 5.32 10.97 7.98
C PHE A 59 5.48 10.61 9.48
N CYS A 60 5.19 11.57 10.40
CA CYS A 60 5.23 11.34 11.85
C CYS A 60 4.27 10.20 12.21
N HIS A 61 3.04 10.27 11.72
CA HIS A 61 1.97 9.28 12.00
C HIS A 61 2.37 7.87 11.59
N ARG A 62 2.97 7.73 10.43
CA ARG A 62 3.38 6.41 9.98
C ARG A 62 4.57 5.90 10.78
N GLN A 63 5.51 6.80 11.08
CA GLN A 63 6.72 6.55 11.86
C GLN A 63 6.36 5.90 13.21
N LYS A 64 5.33 6.45 13.87
CA LYS A 64 4.83 5.95 15.14
C LYS A 64 4.28 4.53 15.04
N GLU A 65 3.53 4.23 13.97
CA GLU A 65 3.00 2.89 13.72
C GLU A 65 4.10 1.85 13.51
N VAL A 66 5.10 2.19 12.69
CA VAL A 66 6.25 1.34 12.37
C VAL A 66 7.04 1.04 13.65
N SER A 67 7.31 2.08 14.45
CA SER A 67 8.02 2.01 15.72
C SER A 67 7.39 0.91 16.61
N GLU A 68 6.06 0.97 16.82
CA GLU A 68 5.28 0.00 17.60
C GLU A 68 5.48 -1.46 17.16
N GLU A 69 5.60 -1.71 15.84
CA GLU A 69 5.77 -3.04 15.23
C GLU A 69 7.25 -3.44 15.10
N ASN A 70 8.16 -2.55 15.48
CA ASN A 70 9.57 -2.84 15.34
C ASN A 70 10.36 -2.61 16.64
N HIS A 71 9.79 -3.07 17.79
CA HIS A 71 10.39 -2.96 19.14
C HIS A 71 10.87 -1.54 19.43
N ASN A 72 9.97 -0.58 19.16
CA ASN A 72 10.11 0.87 19.34
C ASN A 72 11.27 1.54 18.57
N HIS A 73 11.61 0.98 17.38
CA HIS A 73 12.64 1.52 16.50
C HIS A 73 12.07 1.88 15.13
N HIS A 74 12.26 3.16 14.72
CA HIS A 74 11.88 3.66 13.39
C HIS A 74 12.72 2.97 12.31
N ASN A 75 14.03 2.78 12.61
CA ASN A 75 15.05 2.25 11.70
C ASN A 75 15.10 3.19 10.46
N GLU A 76 15.32 4.48 10.73
CA GLU A 76 15.39 5.50 9.71
C GLU A 76 16.76 5.57 9.04
N ARG A 77 16.76 5.83 7.72
CA ARG A 77 17.97 5.99 6.92
C ARG A 77 17.77 7.11 5.92
N MET A 78 18.85 7.88 5.67
CA MET A 78 18.92 8.94 4.71
C MET A 78 19.34 8.28 3.41
N LEU A 79 18.46 8.35 2.39
CA LEU A 79 18.73 7.70 1.09
C LEU A 79 18.35 8.61 -0.06
N PHE A 80 19.01 8.41 -1.21
CA PHE A 80 18.76 9.16 -2.42
C PHE A 80 17.57 8.64 -3.20
N HIS A 81 16.90 9.57 -3.90
CA HIS A 81 15.82 9.23 -4.81
C HIS A 81 15.83 10.17 -6.02
N GLY A 82 15.76 9.59 -7.22
CA GLY A 82 15.66 10.35 -8.46
C GLY A 82 14.39 9.95 -9.15
N SER A 83 13.68 10.91 -9.79
CA SER A 83 12.37 10.61 -10.37
C SER A 83 11.86 11.71 -11.26
N PRO A 84 11.13 11.36 -12.35
CA PRO A 84 10.49 12.42 -13.14
C PRO A 84 9.28 13.03 -12.39
N PHE A 85 8.89 12.44 -11.24
CA PHE A 85 7.76 12.93 -10.41
C PHE A 85 8.22 13.89 -9.31
N ILE A 86 9.52 14.29 -9.29
CA ILE A 86 10.11 15.15 -8.28
C ILE A 86 9.27 16.36 -7.84
N ASN A 87 8.69 17.09 -8.80
CA ASN A 87 7.87 18.24 -8.45
C ASN A 87 6.59 17.85 -7.74
N ALA A 88 5.97 16.73 -8.16
CA ALA A 88 4.76 16.26 -7.46
C ALA A 88 5.15 15.76 -6.06
N ILE A 89 6.36 15.15 -5.91
CA ILE A 89 6.83 14.63 -4.59
C ILE A 89 6.97 15.75 -3.55
N ILE A 90 7.59 16.87 -3.93
CA ILE A 90 7.82 17.99 -3.01
C ILE A 90 6.54 18.74 -2.62
N HIS A 91 5.49 18.63 -3.45
CA HIS A 91 4.19 19.29 -3.20
C HIS A 91 3.15 18.38 -2.56
N LYS A 92 3.04 17.12 -3.03
CA LYS A 92 2.03 16.16 -2.58
C LYS A 92 2.60 14.98 -1.77
N GLY A 93 3.92 14.82 -1.72
CA GLY A 93 4.55 13.70 -1.02
C GLY A 93 4.70 12.49 -1.93
N PHE A 94 5.39 11.47 -1.43
CA PHE A 94 5.62 10.21 -2.17
C PHE A 94 4.29 9.49 -2.33
N ASP A 95 4.08 8.88 -3.48
CA ASP A 95 2.81 8.21 -3.77
C ASP A 95 3.02 6.85 -4.41
N GLU A 96 2.83 5.79 -3.61
CA GLU A 96 2.98 4.41 -4.08
C GLU A 96 2.06 4.06 -5.25
N ARG A 97 1.00 4.86 -5.51
CA ARG A 97 0.09 4.64 -6.65
C ARG A 97 0.80 4.86 -7.98
N HIS A 98 1.98 5.55 -7.98
CA HIS A 98 2.81 5.77 -9.18
C HIS A 98 3.88 4.70 -9.36
N GLY A 102 7.62 -2.75 -12.48
CA GLY A 102 8.82 -2.77 -13.30
C GLY A 102 10.10 -2.95 -12.49
N GLY A 103 10.06 -2.49 -11.23
CA GLY A 103 11.17 -2.63 -10.31
C GLY A 103 11.44 -4.09 -10.01
N MET A 104 12.70 -4.42 -9.71
CA MET A 104 13.07 -5.82 -9.44
C MET A 104 12.44 -6.41 -8.19
N PHE A 105 11.84 -5.55 -7.32
CA PHE A 105 11.24 -5.99 -6.08
C PHE A 105 9.77 -5.69 -5.91
N GLY A 106 9.09 -5.47 -7.03
CA GLY A 106 7.66 -5.20 -7.07
C GLY A 106 7.29 -3.74 -7.06
N ALA A 107 6.00 -3.46 -6.88
CA ALA A 107 5.41 -2.13 -6.91
C ALA A 107 5.72 -1.24 -5.69
N GLY A 108 6.97 -0.87 -5.58
CA GLY A 108 7.39 -0.03 -4.48
C GLY A 108 8.01 1.28 -4.92
N ILE A 109 8.55 2.03 -3.94
CA ILE A 109 9.26 3.30 -4.16
C ILE A 109 10.69 3.00 -3.75
N TYR A 110 11.62 3.11 -4.71
CA TYR A 110 13.02 2.70 -4.60
C TYR A 110 14.01 3.81 -4.24
N PHE A 111 14.90 3.50 -3.30
CA PHE A 111 15.91 4.40 -2.73
C PHE A 111 17.28 3.73 -2.78
N ALA A 112 18.34 4.52 -2.99
CA ALA A 112 19.71 4.05 -3.07
C ALA A 112 20.65 4.79 -2.13
N GLU A 113 21.72 4.10 -1.69
CA GLU A 113 22.76 4.72 -0.87
C GLU A 113 23.67 5.53 -1.79
N ASN A 114 23.72 5.16 -3.09
CA ASN A 114 24.55 5.79 -4.12
C ASN A 114 23.79 6.88 -4.85
N SER A 115 24.26 8.13 -4.75
CA SER A 115 23.62 9.27 -5.43
C SER A 115 23.63 9.04 -6.96
N SER A 116 24.71 8.42 -7.50
CA SER A 116 24.83 8.13 -8.93
C SER A 116 23.76 7.11 -9.40
N LYS A 117 23.27 6.26 -8.48
CA LYS A 117 22.19 5.31 -8.82
C LYS A 117 20.89 6.05 -9.03
N SER A 118 20.55 6.98 -8.10
CA SER A 118 19.35 7.82 -8.22
C SER A 118 19.39 8.78 -9.43
N ASN A 119 20.60 9.21 -9.84
CA ASN A 119 20.78 10.11 -10.99
C ASN A 119 20.33 9.43 -12.31
N GLN A 120 20.38 8.09 -12.35
CA GLN A 120 19.95 7.34 -13.53
C GLN A 120 18.44 7.49 -13.81
N TYR A 121 17.65 7.94 -12.81
CA TYR A 121 16.18 8.03 -12.90
C TYR A 121 15.60 9.40 -12.98
N VAL A 122 16.48 10.43 -12.99
CA VAL A 122 16.05 11.82 -13.11
C VAL A 122 15.15 12.01 -14.33
N TYR A 123 15.54 11.39 -15.46
CA TYR A 123 14.74 11.48 -16.68
C TYR A 123 13.85 10.24 -16.95
N GLY A 124 13.63 9.43 -15.91
CA GLY A 124 12.79 8.23 -16.01
C GLY A 124 13.60 6.95 -16.03
N ILE A 125 12.92 5.81 -16.24
CA ILE A 125 13.53 4.48 -16.26
C ILE A 125 14.62 4.41 -17.33
N GLY A 126 15.80 3.90 -16.98
CA GLY A 126 16.93 3.82 -17.90
C GLY A 126 17.37 5.15 -18.47
N GLY A 127 17.03 6.25 -17.76
CA GLY A 127 17.36 7.61 -18.17
C GLY A 127 16.44 8.16 -19.24
N GLY A 128 15.42 7.40 -19.66
CA GLY A 128 14.45 7.85 -20.66
C GLY A 128 15.11 8.29 -21.95
N THR A 129 14.69 9.46 -22.48
CA THR A 129 15.26 10.04 -23.68
C THR A 129 16.18 11.21 -23.28
N GLY A 130 16.60 11.27 -22.01
CA GLY A 130 17.46 12.36 -21.56
C GLY A 130 16.69 13.66 -21.32
N CYS A 131 17.44 14.74 -21.18
CA CYS A 131 16.90 16.09 -20.95
C CYS A 131 15.91 16.48 -22.03
N PRO A 132 14.83 17.19 -21.65
CA PRO A 132 13.83 17.59 -22.66
C PRO A 132 14.40 18.41 -23.83
N THR A 133 15.36 19.32 -23.53
CA THR A 133 15.96 20.22 -24.53
C THR A 133 16.90 19.53 -25.52
N HIS A 134 17.87 18.71 -25.03
CA HIS A 134 18.84 18.12 -25.94
C HIS A 134 18.69 16.64 -26.19
N LYS A 135 17.72 15.97 -25.51
CA LYS A 135 17.50 14.50 -25.65
C LYS A 135 18.81 13.76 -25.30
N ASP A 136 19.57 14.31 -24.34
CA ASP A 136 20.88 13.84 -23.96
C ASP A 136 20.87 13.32 -22.52
N ARG A 137 21.06 12.00 -22.34
CA ARG A 137 21.12 11.41 -20.97
C ARG A 137 22.35 11.85 -20.19
N SER A 138 23.41 12.29 -20.91
CA SER A 138 24.64 12.83 -20.31
C SER A 138 24.75 14.35 -20.47
N CYS A 139 23.62 15.07 -20.51
CA CYS A 139 23.65 16.52 -20.67
C CYS A 139 24.44 17.16 -19.52
N TYR A 140 25.40 18.05 -19.85
CA TYR A 140 26.19 18.80 -18.87
C TYR A 140 25.66 20.25 -18.73
N ILE A 141 24.59 20.58 -19.47
CA ILE A 141 24.00 21.92 -19.49
C ILE A 141 22.79 21.99 -18.55
N CYS A 142 21.78 21.16 -18.84
CA CYS A 142 20.50 21.14 -18.17
C CYS A 142 20.59 20.81 -16.69
N HIS A 143 19.89 21.60 -15.88
CA HIS A 143 19.86 21.40 -14.43
C HIS A 143 19.00 20.18 -14.11
N ARG A 144 19.47 19.38 -13.16
CA ARG A 144 18.79 18.18 -12.70
C ARG A 144 18.44 18.38 -11.22
N GLN A 145 17.47 17.60 -10.76
CA GLN A 145 17.13 17.58 -9.34
C GLN A 145 17.02 16.14 -8.85
N MET A 146 17.44 15.90 -7.61
CA MET A 146 17.32 14.64 -6.91
C MET A 146 17.01 14.94 -5.44
N LEU A 147 16.47 13.93 -4.75
CA LEU A 147 16.12 14.06 -3.34
C LEU A 147 17.04 13.26 -2.43
N PHE A 148 17.30 13.79 -1.21
CA PHE A 148 18.05 13.09 -0.17
C PHE A 148 17.00 12.98 0.94
N CYS A 149 16.41 11.78 1.09
CA CYS A 149 15.21 11.53 1.89
C CYS A 149 15.40 10.86 3.23
N ARG A 150 14.47 11.12 4.19
CA ARG A 150 14.37 10.37 5.44
C ARG A 150 13.50 9.17 5.05
N VAL A 151 13.98 7.95 5.27
CA VAL A 151 13.18 6.78 4.88
C VAL A 151 12.98 5.91 6.13
N THR A 152 11.71 5.64 6.49
CA THR A 152 11.32 4.77 7.60
C THR A 152 11.32 3.33 7.07
N LEU A 153 12.36 2.60 7.41
CA LEU A 153 12.50 1.21 6.96
C LEU A 153 11.83 0.22 7.88
N GLY A 154 11.78 0.53 9.18
CA GLY A 154 11.27 -0.39 10.20
C GLY A 154 11.97 -1.73 10.14
N LYS A 155 11.21 -2.81 10.15
CA LYS A 155 11.80 -4.15 10.04
C LYS A 155 11.90 -4.47 8.54
N SER A 156 13.12 -4.51 8.02
CA SER A 156 13.39 -4.79 6.60
C SER A 156 13.41 -6.28 6.31
N PHE A 157 12.78 -6.66 5.21
CA PHE A 157 12.85 -8.03 4.77
C PHE A 157 14.01 -8.08 3.75
N LEU A 158 14.89 -9.08 3.91
CA LEU A 158 16.05 -9.28 3.03
C LEU A 158 15.71 -10.20 1.85
N GLN A 159 15.72 -9.62 0.65
CA GLN A 159 15.40 -10.24 -0.63
C GLN A 159 16.65 -10.34 -1.52
N PHE A 160 16.92 -11.54 -2.01
CA PHE A 160 18.09 -11.83 -2.83
C PHE A 160 17.76 -12.26 -4.26
N SER A 161 16.47 -12.42 -4.57
CA SER A 161 16.02 -12.77 -5.91
C SER A 161 14.93 -11.80 -6.37
N THR A 162 14.79 -11.60 -7.70
CA THR A 162 13.77 -10.73 -8.26
C THR A 162 12.40 -11.35 -7.93
N ILE A 163 11.55 -10.61 -7.25
CA ILE A 163 10.22 -11.04 -6.81
C ILE A 163 9.30 -9.85 -6.99
N LYS A 164 8.07 -10.10 -7.43
CA LYS A 164 7.12 -9.01 -7.66
C LYS A 164 6.15 -8.85 -6.49
N MET A 165 6.62 -8.17 -5.42
CA MET A 165 5.79 -7.92 -4.23
C MET A 165 4.90 -6.69 -4.38
N ALA A 166 3.67 -6.77 -3.86
CA ALA A 166 2.76 -5.65 -3.85
C ALA A 166 2.96 -4.78 -2.60
N HIS A 167 3.33 -5.44 -1.47
CA HIS A 167 3.47 -4.80 -0.14
C HIS A 167 4.65 -5.44 0.55
N ALA A 168 5.14 -4.82 1.65
CA ALA A 168 6.21 -5.43 2.45
C ALA A 168 5.69 -6.79 2.98
N PRO A 169 6.54 -7.82 3.15
CA PRO A 169 6.03 -9.11 3.67
C PRO A 169 5.34 -8.97 5.05
N PRO A 170 4.37 -9.86 5.41
CA PRO A 170 3.75 -9.75 6.75
C PRO A 170 4.77 -9.55 7.87
N GLY A 171 4.48 -8.63 8.78
CA GLY A 171 5.34 -8.29 9.92
C GLY A 171 6.51 -7.41 9.58
N HIS A 172 6.65 -7.02 8.30
CA HIS A 172 7.75 -6.20 7.82
C HIS A 172 7.29 -4.83 7.31
N HIS A 173 8.22 -3.87 7.17
CA HIS A 173 7.91 -2.49 6.71
C HIS A 173 8.62 -2.06 5.43
N SER A 174 9.68 -2.78 5.08
CA SER A 174 10.46 -2.46 3.88
C SER A 174 11.13 -3.70 3.33
N VAL A 175 11.67 -3.58 2.10
CA VAL A 175 12.44 -4.65 1.49
C VAL A 175 13.82 -4.11 1.16
N ILE A 176 14.86 -4.87 1.51
CA ILE A 176 16.24 -4.55 1.09
C ILE A 176 16.57 -5.63 0.06
N GLY A 177 16.39 -5.25 -1.20
CA GLY A 177 16.62 -6.14 -2.34
C GLY A 177 18.01 -6.00 -2.93
N ARG A 178 18.67 -7.14 -3.16
CA ARG A 178 19.99 -7.20 -3.77
C ARG A 178 19.83 -8.03 -5.04
N PRO A 179 19.62 -7.39 -6.21
CA PRO A 179 19.42 -8.20 -7.44
C PRO A 179 20.77 -8.60 -8.05
N SER A 180 21.06 -9.90 -8.07
CA SER A 180 22.33 -10.42 -8.57
C SER A 180 22.44 -10.38 -10.10
N VAL A 181 23.53 -9.77 -10.59
CA VAL A 181 23.86 -9.70 -12.02
C VAL A 181 25.30 -10.24 -12.09
N ASN A 182 25.43 -11.48 -12.62
CA ASN A 182 26.69 -12.23 -12.69
C ASN A 182 27.32 -12.41 -11.29
N GLY A 183 26.47 -12.54 -10.27
CA GLY A 183 26.87 -12.69 -8.88
C GLY A 183 27.01 -11.42 -8.06
N LEU A 184 27.07 -10.24 -8.72
CA LEU A 184 27.20 -8.96 -8.01
C LEU A 184 25.89 -8.20 -7.91
N ALA A 185 25.62 -7.66 -6.70
CA ALA A 185 24.41 -6.92 -6.39
C ALA A 185 24.66 -5.74 -5.43
N TYR A 186 24.07 -4.57 -5.76
CA TYR A 186 24.08 -3.37 -4.91
C TYR A 186 22.64 -3.29 -4.35
N ALA A 187 22.51 -2.91 -3.08
CA ALA A 187 21.21 -2.88 -2.38
C ALA A 187 20.24 -1.81 -2.89
N GLU A 188 18.95 -2.17 -2.94
CA GLU A 188 17.87 -1.24 -3.29
C GLU A 188 16.96 -1.27 -2.08
N TYR A 189 16.57 -0.09 -1.59
CA TYR A 189 15.75 0.02 -0.38
C TYR A 189 14.35 0.33 -0.86
N VAL A 190 13.42 -0.60 -0.61
CA VAL A 190 12.06 -0.47 -1.13
C VAL A 190 11.02 -0.36 -0.04
N ILE A 191 10.18 0.66 -0.15
CA ILE A 191 8.99 0.86 0.71
C ILE A 191 7.79 0.75 -0.19
N TYR A 192 6.62 0.41 0.39
CA TYR A 192 5.40 0.19 -0.38
C TYR A 192 4.29 1.18 0.04
N ARG A 193 4.66 2.17 0.88
CA ARG A 193 3.75 3.23 1.37
C ARG A 193 4.52 4.53 1.29
N GLY A 194 4.01 5.51 0.54
CA GLY A 194 4.64 6.81 0.36
C GLY A 194 4.95 7.56 1.64
N GLU A 195 4.10 7.38 2.68
CA GLU A 195 4.23 8.02 4.00
C GLU A 195 5.43 7.52 4.76
N GLN A 196 6.12 6.47 4.25
CA GLN A 196 7.37 5.96 4.84
C GLN A 196 8.64 6.68 4.34
N ALA A 197 8.49 7.79 3.59
CA ALA A 197 9.60 8.63 3.15
C ALA A 197 9.20 10.11 3.16
N TYR A 198 10.14 10.97 3.57
CA TYR A 198 9.97 12.42 3.57
C TYR A 198 11.06 13.01 2.66
N PRO A 199 10.69 13.88 1.68
CA PRO A 199 11.69 14.45 0.76
C PRO A 199 12.49 15.59 1.44
N GLU A 200 13.34 15.25 2.43
CA GLU A 200 14.06 16.21 3.28
C GLU A 200 14.84 17.27 2.50
N TYR A 201 15.74 16.82 1.60
CA TYR A 201 16.56 17.71 0.78
C TYR A 201 16.32 17.62 -0.71
N LEU A 202 16.04 18.78 -1.34
CA LEU A 202 15.93 18.96 -2.78
C LEU A 202 17.29 19.50 -3.25
N ILE A 203 18.03 18.68 -4.03
CA ILE A 203 19.35 19.05 -4.55
C ILE A 203 19.24 19.41 -6.06
N THR A 204 19.57 20.66 -6.43
CA THR A 204 19.61 21.13 -7.81
C THR A 204 21.11 21.08 -8.20
N TYR A 205 21.39 20.39 -9.31
CA TYR A 205 22.79 20.16 -9.74
C TYR A 205 22.89 19.91 -11.25
N GLN A 206 24.15 19.84 -11.71
CA GLN A 206 24.54 19.41 -13.05
C GLN A 206 25.55 18.30 -12.86
N ILE A 207 25.59 17.35 -13.77
CA ILE A 207 26.69 16.36 -13.77
C ILE A 207 27.87 17.16 -14.42
N MET A 208 29.11 16.82 -14.08
CA MET A 208 30.23 17.54 -14.67
C MET A 208 31.01 16.68 -15.65
N LYS A 209 31.35 17.24 -16.83
CA LYS A 209 32.13 16.53 -17.85
C LYS A 209 33.56 16.30 -17.35
N PRO A 210 34.03 15.04 -17.22
CA PRO A 210 35.40 14.80 -16.77
C PRO A 210 36.39 15.42 -17.76
N GLU A 211 37.56 15.84 -17.29
CA GLU A 211 38.56 16.37 -18.23
C GLU A 211 39.02 15.24 -19.15
N ALA A 212 39.15 15.55 -20.46
CA ALA A 212 39.51 14.58 -21.51
C ALA A 212 40.73 13.70 -21.15
N PRO A 213 40.64 12.36 -21.34
CA PRO A 213 41.79 11.48 -21.03
C PRO A 213 42.94 11.67 -22.01
N GLY B 2 -6.40 -2.49 24.09
CA GLY B 2 -6.72 -3.56 23.14
C GLY B 2 -8.15 -3.55 22.64
N THR B 3 -8.56 -4.63 21.96
CA THR B 3 -9.93 -4.73 21.44
C THR B 3 -10.92 -5.21 22.50
N ILE B 4 -12.09 -4.57 22.53
CA ILE B 4 -13.23 -4.97 23.36
C ILE B 4 -14.38 -5.36 22.42
N LEU B 5 -15.10 -6.46 22.73
CA LEU B 5 -16.27 -6.87 21.94
C LEU B 5 -17.55 -6.62 22.72
N LEU B 6 -18.41 -5.70 22.23
CA LEU B 6 -19.70 -5.33 22.84
C LEU B 6 -20.81 -6.17 22.23
N ASP B 7 -21.47 -7.00 23.05
CA ASP B 7 -22.61 -7.76 22.56
C ASP B 7 -23.79 -6.87 22.31
N LEU B 8 -24.45 -7.08 21.18
CA LEU B 8 -25.68 -6.39 20.86
C LEU B 8 -26.80 -7.40 21.18
N ALA B 9 -27.90 -6.94 21.80
CA ALA B 9 -29.02 -7.80 22.17
C ALA B 9 -29.93 -8.00 20.96
N PRO B 10 -30.56 -9.19 20.76
CA PRO B 10 -31.47 -9.36 19.60
C PRO B 10 -32.62 -8.35 19.52
N GLU B 11 -32.97 -7.74 20.68
CA GLU B 11 -34.06 -6.75 20.80
C GLU B 11 -33.63 -5.41 20.24
N ASP B 12 -32.32 -5.17 20.19
CA ASP B 12 -31.72 -3.94 19.70
C ASP B 12 -31.94 -3.82 18.17
N LYS B 13 -32.53 -2.68 17.72
CA LYS B 13 -32.78 -2.42 16.29
C LYS B 13 -31.50 -2.47 15.42
N GLU B 14 -30.34 -2.17 16.03
CA GLU B 14 -29.03 -2.22 15.38
C GLU B 14 -28.64 -3.67 15.08
N TYR B 15 -28.94 -4.59 16.03
CA TYR B 15 -28.70 -6.03 15.84
C TYR B 15 -29.58 -6.46 14.67
N GLN B 16 -30.87 -6.09 14.73
CA GLN B 16 -31.87 -6.47 13.71
C GLN B 16 -31.52 -5.94 12.31
N SER B 17 -30.98 -4.70 12.25
CA SER B 17 -30.56 -4.08 10.99
C SER B 17 -29.40 -4.89 10.34
N VAL B 18 -28.43 -5.30 11.14
CA VAL B 18 -27.28 -6.09 10.64
C VAL B 18 -27.74 -7.50 10.19
N GLU B 19 -28.53 -8.19 11.03
CA GLU B 19 -29.01 -9.53 10.64
C GLU B 19 -29.79 -9.46 9.32
N GLU B 20 -30.67 -8.44 9.18
CA GLU B 20 -31.46 -8.23 7.96
C GLU B 20 -30.61 -8.01 6.72
N GLU B 21 -29.51 -7.25 6.85
CA GLU B 21 -28.59 -6.98 5.75
C GLU B 21 -27.90 -8.28 5.35
N MET B 22 -27.53 -9.07 6.34
CA MET B 22 -26.90 -10.35 6.13
C MET B 22 -27.87 -11.36 5.47
N GLN B 23 -29.11 -11.46 5.98
CA GLN B 23 -30.12 -12.44 5.50
C GLN B 23 -30.63 -12.12 4.09
N SER B 24 -30.88 -10.84 3.83
CA SER B 24 -31.44 -10.39 2.56
C SER B 24 -30.44 -10.34 1.41
N THR B 25 -29.14 -10.37 1.70
CA THR B 25 -28.13 -10.32 0.63
C THR B 25 -27.56 -11.71 0.27
N ILE B 26 -28.30 -12.76 0.53
CA ILE B 26 -27.90 -14.11 0.11
C ILE B 26 -28.30 -14.23 -1.36
N ARG B 27 -27.40 -14.73 -2.19
CA ARG B 27 -27.66 -14.94 -3.60
C ARG B 27 -27.08 -16.29 -4.03
N GLU B 28 -27.43 -16.71 -5.24
CA GLU B 28 -26.90 -17.93 -5.84
C GLU B 28 -25.48 -17.61 -6.33
N HIS B 29 -24.59 -18.59 -6.26
CA HIS B 29 -23.22 -18.43 -6.72
C HIS B 29 -22.89 -19.35 -7.92
N ARG B 30 -21.95 -18.92 -8.81
CA ARG B 30 -21.58 -19.69 -10.00
C ARG B 30 -21.10 -21.10 -9.68
N ASP B 31 -20.47 -21.28 -8.51
CA ASP B 31 -19.97 -22.58 -8.12
C ASP B 31 -21.05 -23.58 -7.62
N GLY B 32 -22.31 -23.15 -7.64
CA GLY B 32 -23.46 -23.93 -7.22
C GLY B 32 -23.56 -24.19 -5.72
N GLY B 33 -22.65 -23.60 -4.93
CA GLY B 33 -22.60 -23.77 -3.49
C GLY B 33 -21.38 -24.51 -3.01
N ASN B 34 -20.35 -24.73 -3.87
CA ASN B 34 -19.12 -25.44 -3.48
C ASN B 34 -18.30 -24.77 -2.38
N ALA B 35 -18.00 -23.46 -2.53
CA ALA B 35 -17.14 -22.79 -1.55
C ALA B 35 -17.81 -22.52 -0.21
N GLY B 36 -19.03 -21.99 -0.23
CA GLY B 36 -19.72 -21.59 0.99
C GLY B 36 -20.78 -22.51 1.56
N GLY B 37 -21.18 -23.50 0.78
CA GLY B 37 -22.21 -24.44 1.18
C GLY B 37 -23.57 -24.18 0.59
N ILE B 38 -24.53 -25.06 0.91
CA ILE B 38 -25.89 -24.97 0.36
C ILE B 38 -26.83 -24.58 1.47
N PHE B 39 -27.56 -23.47 1.29
CA PHE B 39 -28.43 -22.94 2.33
C PHE B 39 -29.29 -21.84 1.77
N ASN B 40 -30.47 -21.57 2.37
CA ASN B 40 -31.32 -20.42 1.98
C ASN B 40 -31.31 -19.28 2.99
N ARG B 41 -30.81 -19.54 4.22
CA ARG B 41 -30.76 -18.57 5.29
C ARG B 41 -29.66 -18.87 6.31
N TYR B 42 -29.37 -17.91 7.20
CA TYR B 42 -28.44 -18.22 8.27
C TYR B 42 -29.18 -18.34 9.60
N ASN B 43 -28.51 -18.96 10.58
CA ASN B 43 -28.88 -18.89 11.99
C ASN B 43 -27.84 -17.90 12.60
N VAL B 44 -28.23 -16.62 12.77
CA VAL B 44 -27.40 -15.56 13.37
C VAL B 44 -27.55 -15.70 14.87
N ILE B 45 -26.47 -16.10 15.54
CA ILE B 45 -26.48 -16.40 16.98
C ILE B 45 -25.78 -15.37 17.85
N ARG B 46 -24.98 -14.50 17.23
CA ARG B 46 -24.26 -13.45 17.96
C ARG B 46 -23.86 -12.32 17.06
N ILE B 47 -24.00 -11.11 17.59
CA ILE B 47 -23.55 -9.89 16.93
C ILE B 47 -22.79 -9.05 17.94
N GLN B 48 -21.48 -8.88 17.70
CA GLN B 48 -20.62 -8.07 18.55
C GLN B 48 -20.10 -6.84 17.81
N LYS B 49 -20.07 -5.68 18.50
CA LYS B 49 -19.46 -4.48 17.94
C LYS B 49 -18.00 -4.48 18.38
N VAL B 50 -17.07 -4.30 17.42
CA VAL B 50 -15.61 -4.29 17.66
C VAL B 50 -15.21 -2.87 18.10
N VAL B 51 -14.70 -2.74 19.35
CA VAL B 51 -14.32 -1.44 19.92
C VAL B 51 -12.79 -1.42 20.16
N ASN B 52 -12.07 -0.53 19.47
CA ASN B 52 -10.62 -0.39 19.61
C ASN B 52 -10.26 1.04 19.19
N LYS B 53 -9.86 1.88 20.17
CA LYS B 53 -9.53 3.31 19.98
C LYS B 53 -8.42 3.53 18.95
N LYS B 54 -7.37 2.69 19.02
CA LYS B 54 -6.21 2.69 18.15
C LYS B 54 -6.67 2.44 16.67
N LEU B 55 -7.41 1.33 16.43
CA LEU B 55 -7.93 0.99 15.11
C LEU B 55 -8.90 2.02 14.56
N ARG B 56 -9.76 2.58 15.41
CA ARG B 56 -10.69 3.63 15.00
C ARG B 56 -9.90 4.88 14.56
N GLU B 57 -8.88 5.28 15.35
CA GLU B 57 -8.02 6.44 15.04
C GLU B 57 -7.43 6.30 13.63
N ARG B 58 -6.80 5.15 13.34
CA ARG B 58 -6.18 4.89 12.04
C ARG B 58 -7.17 5.00 10.87
N PHE B 59 -8.39 4.44 11.06
CA PHE B 59 -9.46 4.45 10.07
C PHE B 59 -9.97 5.88 9.85
N CYS B 60 -10.16 6.66 10.92
CA CYS B 60 -10.63 8.05 10.82
C CYS B 60 -9.55 9.00 10.25
N HIS B 61 -8.27 8.75 10.58
CA HIS B 61 -7.13 9.53 10.06
C HIS B 61 -7.09 9.34 8.51
N ARG B 62 -7.16 8.07 8.05
CA ARG B 62 -7.14 7.74 6.62
C ARG B 62 -8.34 8.30 5.90
N GLN B 63 -9.52 8.26 6.54
CA GLN B 63 -10.74 8.79 5.98
C GLN B 63 -10.66 10.29 5.67
N LYS B 64 -10.04 11.08 6.55
CA LYS B 64 -9.83 12.51 6.31
C LYS B 64 -8.90 12.74 5.10
N GLU B 65 -7.85 11.92 4.95
CA GLU B 65 -6.94 12.01 3.79
C GLU B 65 -7.69 11.77 2.47
N VAL B 66 -8.49 10.68 2.41
CA VAL B 66 -9.29 10.32 1.24
C VAL B 66 -10.26 11.45 0.88
N SER B 67 -11.07 11.93 1.85
CA SER B 67 -12.04 13.00 1.57
C SER B 67 -11.39 14.27 0.96
N GLU B 68 -10.21 14.69 1.49
CA GLU B 68 -9.42 15.85 1.00
C GLU B 68 -9.02 15.63 -0.47
N GLU B 69 -8.57 14.40 -0.78
CA GLU B 69 -8.19 14.00 -2.14
C GLU B 69 -9.42 13.73 -3.03
N ASN B 70 -10.62 13.62 -2.46
CA ASN B 70 -11.83 13.27 -3.21
C ASN B 70 -13.06 14.24 -3.06
N HIS B 71 -12.83 15.56 -3.27
CA HIS B 71 -13.87 16.61 -3.26
C HIS B 71 -14.71 16.62 -1.97
N ASN B 72 -14.06 16.39 -0.80
CA ASN B 72 -14.69 16.30 0.52
C ASN B 72 -15.75 15.18 0.66
N HIS B 73 -15.50 14.05 -0.04
CA HIS B 73 -16.38 12.88 0.00
C HIS B 73 -15.52 11.65 0.31
N HIS B 74 -15.79 10.97 1.43
CA HIS B 74 -15.03 9.77 1.75
C HIS B 74 -15.61 8.51 1.09
N ASN B 75 -16.89 8.60 0.65
CA ASN B 75 -17.63 7.53 -0.03
C ASN B 75 -17.51 6.20 0.75
N GLU B 76 -17.99 6.21 2.00
CA GLU B 76 -17.99 5.04 2.87
C GLU B 76 -19.16 4.11 2.51
N ARG B 77 -18.90 2.80 2.60
CA ARG B 77 -19.87 1.76 2.35
C ARG B 77 -19.75 0.65 3.39
N MET B 78 -20.90 0.08 3.74
CA MET B 78 -21.01 -1.03 4.68
C MET B 78 -20.94 -2.27 3.82
N LEU B 79 -19.89 -3.10 3.98
CA LEU B 79 -19.72 -4.30 3.13
C LEU B 79 -19.26 -5.50 3.96
N PHE B 80 -19.53 -6.71 3.47
CA PHE B 80 -19.13 -7.94 4.20
C PHE B 80 -17.71 -8.34 3.87
N HIS B 81 -17.07 -9.05 4.80
CA HIS B 81 -15.74 -9.62 4.63
C HIS B 81 -15.68 -10.93 5.40
N GLY B 82 -15.26 -11.98 4.72
CA GLY B 82 -15.07 -13.29 5.32
C GLY B 82 -13.62 -13.65 5.19
N SER B 83 -13.02 -14.21 6.23
CA SER B 83 -11.59 -14.49 6.20
C SER B 83 -11.16 -15.51 7.25
N PRO B 84 -10.13 -16.35 6.95
CA PRO B 84 -9.57 -17.21 8.01
C PRO B 84 -8.74 -16.40 9.02
N PHE B 85 -8.40 -15.12 8.69
CA PHE B 85 -7.63 -14.17 9.51
C PHE B 85 -8.53 -13.27 10.39
N ILE B 86 -9.81 -13.66 10.57
CA ILE B 86 -10.77 -12.86 11.33
C ILE B 86 -10.29 -12.42 12.73
N ASN B 87 -9.61 -13.33 13.50
CA ASN B 87 -9.09 -13.05 14.85
C ASN B 87 -8.00 -11.98 14.82
N ALA B 88 -7.08 -12.08 13.83
CA ALA B 88 -6.03 -11.09 13.60
C ALA B 88 -6.67 -9.72 13.23
N ILE B 89 -7.77 -9.72 12.42
CA ILE B 89 -8.44 -8.49 12.00
C ILE B 89 -9.09 -7.74 13.18
N ILE B 90 -9.83 -8.46 14.01
CA ILE B 90 -10.50 -7.82 15.15
C ILE B 90 -9.52 -7.27 16.21
N HIS B 91 -8.30 -7.81 16.27
CA HIS B 91 -7.28 -7.35 17.21
C HIS B 91 -6.25 -6.37 16.66
N LYS B 92 -5.77 -6.59 15.42
CA LYS B 92 -4.72 -5.78 14.80
C LYS B 92 -5.24 -4.89 13.67
N GLY B 93 -6.49 -5.09 13.27
CA GLY B 93 -7.10 -4.34 12.19
C GLY B 93 -6.78 -4.99 10.86
N PHE B 94 -7.37 -4.46 9.77
CA PHE B 94 -7.10 -4.95 8.42
C PHE B 94 -5.65 -4.64 8.05
N ASP B 95 -5.01 -5.55 7.32
CA ASP B 95 -3.61 -5.43 6.97
C ASP B 95 -3.36 -5.87 5.52
N GLU B 96 -2.94 -4.90 4.66
CA GLU B 96 -2.64 -5.14 3.24
C GLU B 96 -1.46 -6.09 3.04
N ARG B 97 -0.60 -6.23 4.07
CA ARG B 97 0.48 -7.23 3.99
C ARG B 97 -0.13 -8.65 4.02
N HIS B 98 -1.42 -8.77 4.41
CA HIS B 98 -2.16 -10.02 4.35
C HIS B 98 -3.15 -10.00 3.18
N ALA B 99 -2.88 -9.16 2.15
CA ALA B 99 -3.71 -9.06 0.96
C ALA B 99 -3.94 -10.41 0.23
N TYR B 100 -5.09 -10.52 -0.47
CA TYR B 100 -5.44 -11.69 -1.30
C TYR B 100 -4.56 -11.53 -2.57
N ILE B 101 -3.38 -12.20 -2.60
CA ILE B 101 -2.38 -12.13 -3.70
C ILE B 101 -3.02 -12.65 -5.00
N GLY B 102 -3.70 -13.78 -4.90
CA GLY B 102 -4.42 -14.38 -6.02
C GLY B 102 -5.75 -13.72 -6.32
N GLY B 103 -6.00 -12.55 -5.72
CA GLY B 103 -7.23 -11.80 -5.92
C GLY B 103 -7.42 -11.46 -7.39
N MET B 104 -8.66 -11.47 -7.86
CA MET B 104 -8.97 -11.17 -9.25
C MET B 104 -8.63 -9.75 -9.76
N PHE B 105 -8.52 -8.78 -8.85
CA PHE B 105 -8.23 -7.38 -9.17
C PHE B 105 -7.01 -6.91 -8.39
N GLY B 106 -6.08 -7.84 -8.15
CA GLY B 106 -4.82 -7.53 -7.50
C GLY B 106 -4.68 -7.89 -6.04
N ALA B 107 -3.50 -7.56 -5.47
CA ALA B 107 -3.11 -7.86 -4.08
C ALA B 107 -3.73 -6.82 -3.12
N GLY B 108 -5.04 -6.94 -2.97
CA GLY B 108 -5.84 -6.09 -2.11
C GLY B 108 -6.68 -6.86 -1.12
N ILE B 109 -7.58 -6.12 -0.44
CA ILE B 109 -8.51 -6.58 0.60
C ILE B 109 -9.89 -6.44 -0.02
N TYR B 110 -10.57 -7.56 -0.09
CA TYR B 110 -11.84 -7.72 -0.79
C TYR B 110 -13.08 -7.72 0.05
N PHE B 111 -14.08 -6.96 -0.39
CA PHE B 111 -15.34 -6.82 0.32
C PHE B 111 -16.51 -7.06 -0.64
N ALA B 112 -17.65 -7.49 -0.10
CA ALA B 112 -18.81 -7.80 -0.92
C ALA B 112 -20.10 -7.19 -0.36
N GLU B 113 -21.03 -6.81 -1.24
CA GLU B 113 -22.38 -6.34 -0.83
C GLU B 113 -23.22 -7.56 -0.41
N ASN B 114 -22.85 -8.75 -0.89
CA ASN B 114 -23.60 -9.97 -0.58
C ASN B 114 -22.93 -10.77 0.48
N SER B 115 -23.62 -11.01 1.60
CA SER B 115 -23.08 -11.83 2.69
C SER B 115 -22.68 -13.25 2.20
N SER B 116 -23.43 -13.86 1.22
CA SER B 116 -23.15 -15.21 0.72
C SER B 116 -21.79 -15.29 0.00
N LYS B 117 -21.33 -14.16 -0.59
CA LYS B 117 -20.02 -14.05 -1.25
C LYS B 117 -18.91 -14.18 -0.23
N SER B 118 -18.98 -13.36 0.83
CA SER B 118 -18.01 -13.37 1.92
C SER B 118 -17.99 -14.69 2.70
N ASN B 119 -19.15 -15.42 2.74
CA ASN B 119 -19.28 -16.73 3.39
C ASN B 119 -18.42 -17.78 2.69
N GLN B 120 -18.09 -17.54 1.41
CA GLN B 120 -17.20 -18.40 0.62
C GLN B 120 -15.74 -18.38 1.11
N TYR B 121 -15.33 -17.34 1.87
CA TYR B 121 -13.92 -17.20 2.30
C TYR B 121 -13.64 -17.40 3.82
N VAL B 122 -14.68 -17.70 4.59
CA VAL B 122 -14.61 -17.89 6.05
C VAL B 122 -13.61 -19.01 6.43
N TYR B 123 -13.56 -20.10 5.66
CA TYR B 123 -12.61 -21.20 5.90
C TYR B 123 -11.38 -21.16 4.99
N GLY B 124 -11.25 -20.06 4.24
CA GLY B 124 -10.13 -19.86 3.33
C GLY B 124 -10.58 -19.66 1.90
N ILE B 125 -9.60 -19.54 0.98
CA ILE B 125 -9.80 -19.34 -0.45
C ILE B 125 -10.63 -20.50 -1.00
N GLY B 126 -11.74 -20.17 -1.65
CA GLY B 126 -12.69 -21.15 -2.17
C GLY B 126 -13.23 -22.09 -1.09
N GLY B 127 -13.33 -21.59 0.12
CA GLY B 127 -13.79 -22.34 1.28
C GLY B 127 -12.76 -23.28 1.89
N GLY B 128 -11.54 -23.31 1.33
CA GLY B 128 -10.44 -24.20 1.76
C GLY B 128 -10.85 -25.65 1.91
N THR B 129 -10.52 -26.24 3.08
CA THR B 129 -10.92 -27.63 3.40
C THR B 129 -12.19 -27.64 4.27
N GLY B 130 -12.88 -26.49 4.37
CA GLY B 130 -14.10 -26.37 5.17
C GLY B 130 -13.80 -26.20 6.65
N CYS B 131 -14.77 -26.57 7.51
CA CYS B 131 -14.63 -26.48 8.96
C CYS B 131 -13.48 -27.34 9.50
N PRO B 132 -12.76 -26.85 10.54
CA PRO B 132 -11.64 -27.65 11.10
C PRO B 132 -12.04 -29.06 11.56
N THR B 133 -13.20 -29.19 12.23
CA THR B 133 -13.71 -30.43 12.80
C THR B 133 -14.18 -31.47 11.82
N HIS B 134 -15.03 -31.10 10.84
CA HIS B 134 -15.57 -32.09 9.91
C HIS B 134 -15.06 -31.97 8.46
N LYS B 135 -14.23 -30.95 8.16
CA LYS B 135 -13.70 -30.72 6.79
C LYS B 135 -14.86 -30.68 5.75
N ASP B 136 -15.92 -29.94 6.09
CA ASP B 136 -17.10 -29.83 5.26
C ASP B 136 -17.30 -28.35 4.94
N ARG B 137 -17.32 -27.99 3.63
CA ARG B 137 -17.54 -26.59 3.25
C ARG B 137 -19.00 -26.17 3.48
N SER B 138 -19.89 -27.17 3.51
CA SER B 138 -21.33 -26.99 3.76
C SER B 138 -21.75 -27.45 5.17
N CYS B 139 -20.84 -27.41 6.16
CA CYS B 139 -21.15 -27.82 7.55
C CYS B 139 -22.28 -26.97 8.15
N TYR B 140 -23.31 -27.65 8.70
CA TYR B 140 -24.44 -27.00 9.36
C TYR B 140 -24.24 -26.94 10.87
N ILE B 141 -23.17 -27.58 11.37
CA ILE B 141 -22.89 -27.70 12.79
C ILE B 141 -22.01 -26.57 13.28
N CYS B 142 -20.81 -26.45 12.68
CA CYS B 142 -19.76 -25.52 13.06
C CYS B 142 -20.14 -24.05 12.89
N HIS B 143 -19.70 -23.25 13.85
CA HIS B 143 -19.96 -21.81 13.90
C HIS B 143 -18.97 -21.08 13.00
N ARG B 144 -19.51 -20.16 12.18
CA ARG B 144 -18.71 -19.35 11.28
C ARG B 144 -18.77 -17.93 11.75
N GLN B 145 -17.78 -17.14 11.39
CA GLN B 145 -17.79 -15.71 11.69
C GLN B 145 -17.50 -14.90 10.43
N MET B 146 -18.16 -13.76 10.30
CA MET B 146 -17.89 -12.81 9.23
C MET B 146 -18.01 -11.40 9.79
N LEU B 147 -17.45 -10.43 9.05
CA LEU B 147 -17.43 -9.04 9.47
C LEU B 147 -18.32 -8.24 8.56
N PHE B 148 -19.02 -7.29 9.14
CA PHE B 148 -19.83 -6.31 8.43
C PHE B 148 -19.06 -4.99 8.70
N CYS B 149 -18.38 -4.47 7.68
CA CYS B 149 -17.39 -3.38 7.76
C CYS B 149 -17.76 -2.06 7.20
N ARG B 150 -17.15 -0.98 7.75
CA ARG B 150 -17.18 0.38 7.22
C ARG B 150 -15.95 0.38 6.28
N VAL B 151 -16.16 0.64 4.99
CA VAL B 151 -15.09 0.63 3.98
C VAL B 151 -15.04 2.01 3.32
N THR B 152 -13.87 2.71 3.41
CA THR B 152 -13.57 4.01 2.77
C THR B 152 -13.23 3.76 1.29
N LEU B 153 -14.17 4.03 0.37
CA LEU B 153 -13.95 3.77 -1.07
C LEU B 153 -13.32 4.94 -1.82
N GLY B 154 -13.52 6.15 -1.31
CA GLY B 154 -13.03 7.36 -1.94
C GLY B 154 -13.44 7.40 -3.40
N LYS B 155 -12.49 7.78 -4.27
CA LYS B 155 -12.77 7.73 -5.68
C LYS B 155 -12.49 6.31 -6.20
N SER B 156 -13.54 5.60 -6.62
CA SER B 156 -13.44 4.25 -7.14
C SER B 156 -13.07 4.17 -8.61
N PHE B 157 -12.20 3.23 -8.94
CA PHE B 157 -11.82 2.95 -10.31
C PHE B 157 -12.64 1.71 -10.76
N LEU B 158 -13.36 1.82 -11.90
CA LEU B 158 -14.17 0.68 -12.41
C LEU B 158 -13.32 -0.19 -13.33
N GLN B 159 -13.20 -1.48 -12.96
CA GLN B 159 -12.37 -2.47 -13.64
C GLN B 159 -13.28 -3.57 -14.15
N PHE B 160 -13.10 -3.99 -15.41
CA PHE B 160 -14.00 -4.94 -16.08
C PHE B 160 -13.33 -6.25 -16.56
N SER B 161 -12.16 -6.56 -16.00
CA SER B 161 -11.43 -7.80 -16.30
C SER B 161 -10.45 -8.12 -15.19
N THR B 162 -9.99 -9.38 -15.11
CA THR B 162 -8.97 -9.75 -14.13
C THR B 162 -7.69 -8.94 -14.41
N ILE B 163 -7.01 -8.51 -13.34
CA ILE B 163 -5.85 -7.64 -13.42
C ILE B 163 -4.93 -7.81 -12.20
N LYS B 164 -3.63 -7.52 -12.41
CA LYS B 164 -2.61 -7.50 -11.39
C LYS B 164 -2.51 -6.06 -11.00
N MET B 165 -2.57 -5.78 -9.70
CA MET B 165 -2.50 -4.42 -9.16
C MET B 165 -2.07 -4.44 -7.69
N ALA B 166 -1.11 -3.61 -7.31
CA ALA B 166 -0.62 -3.56 -5.94
C ALA B 166 -1.31 -2.49 -5.12
N HIS B 167 -1.72 -1.41 -5.78
CA HIS B 167 -2.27 -0.22 -5.14
C HIS B 167 -3.38 0.29 -6.03
N ALA B 168 -4.25 1.18 -5.50
CA ALA B 168 -5.32 1.75 -6.35
C ALA B 168 -4.67 2.56 -7.47
N PRO B 169 -5.27 2.66 -8.68
CA PRO B 169 -4.67 3.51 -9.71
C PRO B 169 -4.48 4.98 -9.26
N PRO B 170 -3.51 5.72 -9.87
CA PRO B 170 -3.33 7.15 -9.50
C PRO B 170 -4.63 7.93 -9.44
N GLY B 171 -4.77 8.76 -8.39
CA GLY B 171 -5.96 9.57 -8.13
C GLY B 171 -7.19 8.82 -7.64
N HIS B 172 -7.03 7.50 -7.39
CA HIS B 172 -8.13 6.66 -6.94
C HIS B 172 -7.80 6.02 -5.58
N HIS B 173 -8.84 5.53 -4.86
CA HIS B 173 -8.67 5.00 -3.48
C HIS B 173 -9.11 3.55 -3.33
N SER B 174 -9.79 3.06 -4.37
CA SER B 174 -10.35 1.71 -4.39
C SER B 174 -10.62 1.27 -5.79
N VAL B 175 -10.87 -0.04 -5.95
CA VAL B 175 -11.24 -0.59 -7.24
C VAL B 175 -12.59 -1.32 -7.07
N ILE B 176 -13.52 -1.09 -8.00
CA ILE B 176 -14.75 -1.85 -8.10
C ILE B 176 -14.58 -2.75 -9.32
N GLY B 177 -14.28 -4.02 -9.07
CA GLY B 177 -13.96 -4.98 -10.13
C GLY B 177 -15.08 -5.91 -10.53
N ARG B 178 -15.24 -6.13 -11.82
CA ARG B 178 -16.21 -7.06 -12.42
C ARG B 178 -15.41 -8.04 -13.31
N PRO B 179 -15.81 -9.33 -13.38
CA PRO B 179 -15.00 -10.30 -14.15
C PRO B 179 -15.08 -10.22 -15.67
N SER B 180 -16.06 -9.49 -16.17
CA SER B 180 -16.33 -9.34 -17.61
C SER B 180 -16.84 -7.94 -17.86
N VAL B 181 -16.91 -7.55 -19.13
CA VAL B 181 -17.31 -6.20 -19.55
C VAL B 181 -18.84 -6.24 -19.60
N ASN B 182 -19.45 -6.12 -18.43
CA ASN B 182 -20.88 -6.20 -18.26
C ASN B 182 -21.22 -5.44 -16.99
N GLY B 183 -21.93 -4.32 -17.14
CA GLY B 183 -22.37 -3.48 -16.03
C GLY B 183 -23.30 -4.17 -15.05
N LEU B 184 -23.92 -5.29 -15.47
CA LEU B 184 -24.80 -6.11 -14.63
C LEU B 184 -24.05 -7.21 -13.87
N ALA B 185 -22.75 -7.52 -14.21
CA ALA B 185 -21.97 -8.54 -13.49
C ALA B 185 -21.80 -8.13 -12.03
N TYR B 186 -21.67 -9.11 -11.10
CA TYR B 186 -21.51 -8.78 -9.68
C TYR B 186 -20.12 -8.20 -9.46
N ALA B 187 -20.03 -7.18 -8.62
CA ALA B 187 -18.77 -6.48 -8.37
C ALA B 187 -18.10 -6.88 -7.05
N GLU B 188 -16.77 -6.74 -7.00
CA GLU B 188 -16.01 -6.93 -5.78
C GLU B 188 -15.43 -5.55 -5.47
N TYR B 189 -15.40 -5.18 -4.19
CA TYR B 189 -14.91 -3.86 -3.71
C TYR B 189 -13.56 -4.12 -3.13
N VAL B 190 -12.54 -3.49 -3.72
CA VAL B 190 -11.15 -3.75 -3.34
C VAL B 190 -10.48 -2.48 -2.85
N ILE B 191 -9.79 -2.59 -1.70
CA ILE B 191 -8.93 -1.55 -1.12
C ILE B 191 -7.52 -2.15 -1.02
N TYR B 192 -6.48 -1.30 -1.03
CA TYR B 192 -5.09 -1.74 -1.01
C TYR B 192 -4.37 -1.18 0.23
N ARG B 193 -5.17 -0.67 1.17
CA ARG B 193 -4.70 -0.09 2.41
C ARG B 193 -5.63 -0.54 3.50
N GLY B 194 -5.06 -1.22 4.50
CA GLY B 194 -5.78 -1.78 5.66
C GLY B 194 -6.63 -0.78 6.42
N GLU B 195 -6.14 0.44 6.59
CA GLU B 195 -6.83 1.53 7.30
C GLU B 195 -8.05 2.11 6.56
N GLN B 196 -8.36 1.60 5.34
CA GLN B 196 -9.56 2.01 4.60
C GLN B 196 -10.81 1.16 4.91
N ALA B 197 -10.68 0.23 5.88
CA ALA B 197 -11.77 -0.59 6.39
C ALA B 197 -11.67 -0.74 7.91
N TYR B 198 -12.84 -0.65 8.58
CA TYR B 198 -12.96 -0.85 10.02
C TYR B 198 -13.88 -2.09 10.23
N PRO B 199 -13.47 -3.09 11.04
CA PRO B 199 -14.35 -4.24 11.28
C PRO B 199 -15.45 -3.92 12.32
N GLU B 200 -16.43 -3.07 11.96
CA GLU B 200 -17.53 -2.64 12.86
C GLU B 200 -18.28 -3.78 13.57
N TYR B 201 -18.75 -4.80 12.81
CA TYR B 201 -19.49 -5.90 13.40
C TYR B 201 -18.89 -7.26 13.19
N LEU B 202 -18.78 -8.03 14.26
CA LEU B 202 -18.36 -9.42 14.25
C LEU B 202 -19.67 -10.23 14.37
N ILE B 203 -20.03 -10.96 13.30
CA ILE B 203 -21.26 -11.77 13.24
C ILE B 203 -20.89 -13.26 13.45
N THR B 204 -21.51 -13.93 14.43
CA THR B 204 -21.30 -15.36 14.62
C THR B 204 -22.58 -15.99 14.11
N TYR B 205 -22.45 -16.99 13.25
CA TYR B 205 -23.63 -17.62 12.64
C TYR B 205 -23.33 -19.01 12.16
N GLN B 206 -24.37 -19.70 11.67
CA GLN B 206 -24.31 -20.96 10.94
C GLN B 206 -25.15 -20.78 9.67
N ILE B 207 -24.76 -21.50 8.62
CA ILE B 207 -25.59 -21.60 7.41
C ILE B 207 -26.63 -22.66 7.83
N MET B 208 -27.87 -22.54 7.39
CA MET B 208 -28.87 -23.55 7.75
C MET B 208 -29.25 -24.40 6.52
N LYS B 209 -29.51 -25.70 6.73
CA LYS B 209 -29.91 -26.58 5.65
C LYS B 209 -31.20 -26.10 4.98
N PRO B 210 -31.34 -26.27 3.64
CA PRO B 210 -32.59 -25.90 2.97
C PRO B 210 -33.77 -26.67 3.59
N GLU B 211 -34.96 -26.04 3.68
CA GLU B 211 -36.17 -26.66 4.23
C GLU B 211 -37.44 -26.16 3.51
N ALA B 212 -38.60 -26.82 3.79
CA ALA B 212 -39.95 -26.49 3.32
C ALA B 212 -40.06 -26.00 1.85
#